data_3AS2
#
_entry.id   3AS2
#
_cell.length_a   66.290
_cell.length_b   84.050
_cell.length_c   102.310
_cell.angle_alpha   90.00
_cell.angle_beta   90.00
_cell.angle_gamma   90.00
#
_symmetry.space_group_name_H-M   'P 21 21 21'
#
loop_
_entity.id
_entity.type
_entity.pdbx_description
1 polymer 'Chitinase A'
2 non-polymer 3-methyl-1-(5-oxohexyl)-7-propyl-3,7-dihydro-1H-purine-2,6-dione
3 water water
#
_entity_poly.entity_id   1
_entity_poly.type   'polypeptide(L)'
_entity_poly.pdbx_seq_one_letter_code
;APTAPSIDMYGSNNLQFSKIELAMETTSGYNDMVKYHELAKIKVKFNQWSGTSGDTYNVYFDGVKVATGAITGSQTTASF
EYGQGGLYQMEIEACDATGCSKSAPVEITIADTDGSHLKPLTMNVDPNNKSYNTDPSIVMGTYFVEWGIYGRDYTVDNMP
VDNLTHILYGFIPICGPNESVKSVGGNSFNALQTACRGVNDYEVVIHDPWAAYQKSFPQAGHEYSTPIKGNYAMLMALKQ
RNPDLKIIPSIGGGTLSDPFYDFVDKKNRDTFVASVKKFLKTWKFYDGVDIDWEFPGGGGAAADKGDPVNDGPAYIALMR
ELRVMLDELEAETGRTYELTSAIGVGYDKIEDVDYADAVQYMDYIFAMTYDFYGGWNNVPGHQTALYCGSFMRPGQCDGG
GVDENGEPYKGPAYTADNGIQLLLAQGVPANKLVLGTAMYGRGWEGVTPDTLTDPNDPMTGTATGKLKGSTAQGVWEDGV
IDYKGIKSFMLGANNTGINGFEYGYDAQAEAPWVWNRSTGELITFDDHRSVLAKGNYAKSLGLAGLFSWEIDADNGDILN
AMHEGMAGGVVTPPNRRSHHHHHH
;
_entity_poly.pdbx_strand_id   A
#
loop_
_chem_comp.id
_chem_comp.type
_chem_comp.name
_chem_comp.formula
POY non-polymer 3-methyl-1-(5-oxohexyl)-7-propyl-3,7-dihydro-1H-purine-2,6-dione 'C15 H22 N4 O3'
#
# COMPACT_ATOMS: atom_id res chain seq x y z
N ALA A 1 -31.34 -39.90 -23.36
CA ALA A 1 -31.15 -40.31 -24.77
C ALA A 1 -30.97 -39.11 -25.68
N PRO A 2 -31.12 -37.88 -25.17
CA PRO A 2 -30.61 -36.84 -26.13
C PRO A 2 -29.09 -36.94 -26.28
N THR A 3 -28.55 -36.17 -27.22
CA THR A 3 -27.09 -36.09 -27.40
C THR A 3 -26.49 -35.38 -26.18
N ALA A 4 -25.34 -35.83 -25.67
CA ALA A 4 -24.68 -35.14 -24.53
C ALA A 4 -24.23 -33.78 -25.06
N PRO A 5 -24.48 -32.71 -24.32
CA PRO A 5 -23.99 -31.38 -24.68
C PRO A 5 -22.46 -31.31 -24.87
N SER A 6 -22.00 -30.49 -25.83
CA SER A 6 -20.55 -30.15 -25.95
C SER A 6 -20.49 -28.69 -25.48
N ILE A 7 -19.52 -28.33 -24.64
CA ILE A 7 -19.51 -26.93 -24.16
C ILE A 7 -18.75 -26.03 -25.18
N ASP A 8 -19.33 -24.89 -25.55
CA ASP A 8 -18.67 -23.95 -26.42
C ASP A 8 -17.79 -23.08 -25.50
N MET A 9 -16.51 -23.39 -25.46
CA MET A 9 -15.59 -22.73 -24.52
C MET A 9 -15.45 -21.25 -24.83
N TYR A 10 -15.22 -20.94 -26.10
CA TYR A 10 -15.01 -19.53 -26.51
C TYR A 10 -16.25 -18.73 -26.48
N GLY A 11 -17.37 -19.33 -26.73
CA GLY A 11 -18.57 -18.64 -26.61
C GLY A 11 -19.06 -18.52 -25.20
N SER A 12 -18.40 -19.10 -24.19
CA SER A 12 -18.82 -19.03 -22.78
C SER A 12 -17.72 -18.27 -21.97
N ASN A 13 -17.15 -17.23 -22.57
CA ASN A 13 -16.08 -16.40 -21.92
C ASN A 13 -14.94 -17.28 -21.37
N ASN A 14 -14.59 -18.31 -22.17
CA ASN A 14 -13.59 -19.29 -21.69
C ASN A 14 -13.84 -19.88 -20.32
N LEU A 15 -15.10 -19.93 -19.92
CA LEU A 15 -15.53 -20.40 -18.61
C LEU A 15 -14.89 -19.62 -17.46
N GLN A 16 -14.60 -18.35 -17.70
CA GLN A 16 -14.13 -17.48 -16.60
C GLN A 16 -15.33 -16.55 -16.20
N PHE A 17 -15.81 -16.69 -14.96
CA PHE A 17 -16.91 -15.90 -14.47
C PHE A 17 -16.42 -15.24 -13.17
N SER A 18 -17.25 -14.35 -12.57
CA SER A 18 -16.70 -13.62 -11.44
C SER A 18 -17.83 -12.98 -10.65
N LYS A 19 -17.71 -12.94 -9.33
CA LYS A 19 -18.60 -12.13 -8.54
C LYS A 19 -18.32 -10.61 -8.75
N ILE A 20 -17.18 -10.26 -9.34
CA ILE A 20 -16.89 -8.82 -9.49
C ILE A 20 -16.76 -8.53 -10.97
N GLU A 21 -17.50 -7.51 -11.45
CA GLU A 21 -17.51 -7.14 -12.88
C GLU A 21 -16.60 -5.97 -12.98
N LEU A 22 -15.55 -6.11 -13.79
CA LEU A 22 -14.49 -5.08 -13.83
C LEU A 22 -14.27 -4.67 -15.33
N ALA A 23 -14.29 -3.39 -15.63
CA ALA A 23 -14.03 -2.99 -17.02
C ALA A 23 -12.60 -3.16 -17.33
N MET A 24 -12.24 -3.81 -18.42
CA MET A 24 -10.81 -4.15 -18.65
C MET A 24 -10.14 -3.35 -19.76
N GLU A 25 -10.93 -2.62 -20.54
CA GLU A 25 -10.43 -1.98 -21.79
C GLU A 25 -10.93 -0.54 -21.89
N THR A 26 -11.00 0.15 -20.75
CA THR A 26 -11.22 1.59 -20.77
C THR A 26 -10.84 2.17 -19.42
N THR A 27 -10.96 3.49 -19.28
CA THR A 27 -10.71 4.13 -18.00
C THR A 27 -11.83 5.13 -17.86
N SER A 28 -12.62 4.95 -16.81
CA SER A 28 -13.83 5.76 -16.63
C SER A 28 -14.06 5.93 -15.13
N GLY A 29 -15.22 6.41 -14.74
CA GLY A 29 -15.53 6.54 -13.29
C GLY A 29 -15.51 5.20 -12.56
N TYR A 30 -15.21 5.28 -11.25
CA TYR A 30 -15.07 4.07 -10.45
C TYR A 30 -16.39 3.26 -10.43
N ASN A 31 -17.53 3.94 -10.25
CA ASN A 31 -18.86 3.26 -10.26
C ASN A 31 -19.24 2.64 -11.66
N ASP A 32 -18.73 3.20 -12.76
CA ASP A 32 -18.84 2.63 -14.07
C ASP A 32 -17.94 1.39 -14.29
N MET A 33 -16.76 1.28 -13.64
CA MET A 33 -15.78 0.25 -13.90
C MET A 33 -15.84 -0.97 -12.95
N VAL A 34 -16.40 -0.78 -11.72
CA VAL A 34 -16.30 -1.78 -10.68
C VAL A 34 -17.73 -2.04 -10.15
N LYS A 35 -18.21 -3.29 -10.25
CA LYS A 35 -19.55 -3.61 -9.63
C LYS A 35 -19.40 -5.00 -9.00
N TYR A 36 -19.65 -5.10 -7.71
CA TYR A 36 -19.50 -6.35 -6.99
C TYR A 36 -20.94 -6.92 -6.90
N HIS A 37 -21.11 -8.17 -7.25
CA HIS A 37 -22.41 -8.87 -7.12
C HIS A 37 -22.33 -9.97 -6.07
N GLU A 38 -23.35 -10.10 -5.22
CA GLU A 38 -23.46 -11.24 -4.32
C GLU A 38 -23.57 -12.58 -5.04
N LEU A 39 -24.15 -12.54 -6.21
CA LEU A 39 -24.15 -13.81 -7.03
C LEU A 39 -23.46 -13.54 -8.37
N ALA A 40 -22.54 -14.41 -8.75
CA ALA A 40 -21.87 -14.29 -10.07
C ALA A 40 -22.88 -14.63 -11.15
N LYS A 41 -22.89 -13.87 -12.25
CA LYS A 41 -23.75 -14.25 -13.42
C LYS A 41 -23.04 -15.27 -14.30
N ILE A 42 -23.65 -16.44 -14.48
CA ILE A 42 -22.98 -17.50 -15.26
C ILE A 42 -23.71 -17.65 -16.59
N LYS A 43 -23.01 -17.71 -17.74
CA LYS A 43 -23.66 -17.92 -19.02
C LYS A 43 -22.79 -18.91 -19.77
N VAL A 44 -23.36 -20.07 -20.06
CA VAL A 44 -22.60 -21.14 -20.71
C VAL A 44 -23.35 -21.57 -21.92
N LYS A 45 -22.67 -21.51 -23.08
CA LYS A 45 -23.27 -21.97 -24.36
C LYS A 45 -22.83 -23.37 -24.60
N PHE A 46 -23.76 -24.20 -25.04
CA PHE A 46 -23.46 -25.58 -25.39
C PHE A 46 -24.21 -25.94 -26.64
N ASN A 47 -23.70 -26.98 -27.34
CA ASN A 47 -24.25 -27.34 -28.64
C ASN A 47 -24.54 -28.88 -28.62
N GLN A 48 -25.48 -29.30 -29.46
CA GLN A 48 -25.82 -30.72 -29.63
C GLN A 48 -25.96 -30.82 -31.13
N TRP A 49 -24.83 -31.03 -31.80
CA TRP A 49 -24.82 -30.92 -33.24
C TRP A 49 -25.44 -32.12 -33.90
N SER A 50 -25.35 -33.27 -33.28
CA SER A 50 -25.88 -34.43 -33.93
C SER A 50 -27.01 -35.00 -33.04
N GLY A 51 -27.89 -35.81 -33.61
CA GLY A 51 -29.00 -36.38 -32.83
C GLY A 51 -30.00 -35.38 -32.25
N THR A 52 -30.71 -35.81 -31.22
CA THR A 52 -31.81 -35.01 -30.77
C THR A 52 -31.31 -34.18 -29.54
N SER A 53 -31.92 -33.03 -29.29
CA SER A 53 -31.44 -32.12 -28.25
C SER A 53 -32.10 -32.40 -26.88
N GLY A 54 -33.29 -32.99 -26.92
CA GLY A 54 -34.07 -33.12 -25.69
C GLY A 54 -34.82 -31.87 -25.32
N ASP A 55 -35.34 -31.80 -24.11
CA ASP A 55 -36.19 -30.65 -23.76
CA ASP A 55 -36.22 -30.69 -23.77
C ASP A 55 -35.74 -29.88 -22.55
N THR A 56 -34.89 -30.46 -21.70
CA THR A 56 -34.39 -29.72 -20.53
CA THR A 56 -34.41 -29.77 -20.48
C THR A 56 -32.91 -29.94 -20.23
N TYR A 57 -32.28 -28.97 -19.59
CA TYR A 57 -30.89 -29.19 -19.19
C TYR A 57 -30.78 -29.03 -17.66
N ASN A 58 -29.77 -29.67 -17.04
CA ASN A 58 -29.36 -29.41 -15.67
C ASN A 58 -27.88 -29.11 -15.64
N VAL A 59 -27.45 -28.17 -14.83
CA VAL A 59 -25.98 -27.91 -14.72
C VAL A 59 -25.52 -28.41 -13.31
N TYR A 60 -24.39 -29.12 -13.25
CA TYR A 60 -23.82 -29.60 -12.01
C TYR A 60 -22.47 -28.95 -11.80
N PHE A 61 -22.18 -28.53 -10.56
CA PHE A 61 -20.78 -28.18 -10.14
C PHE A 61 -20.33 -29.22 -9.10
N ASP A 62 -19.24 -29.90 -9.36
CA ASP A 62 -18.79 -30.96 -8.42
C ASP A 62 -19.90 -31.92 -8.05
N GLY A 63 -20.78 -32.27 -9.00
CA GLY A 63 -21.80 -33.29 -8.76
C GLY A 63 -23.06 -32.73 -8.19
N VAL A 64 -23.05 -31.47 -7.81
CA VAL A 64 -24.20 -30.89 -7.16
C VAL A 64 -24.95 -30.05 -8.21
N LYS A 65 -26.25 -30.26 -8.36
CA LYS A 65 -27.05 -29.48 -9.27
C LYS A 65 -27.18 -28.04 -8.86
N VAL A 66 -26.93 -27.17 -9.83
CA VAL A 66 -26.92 -25.72 -9.59
C VAL A 66 -27.86 -24.93 -10.48
N ALA A 67 -28.38 -25.49 -11.60
CA ALA A 67 -29.28 -24.79 -12.46
C ALA A 67 -30.04 -25.77 -13.32
N THR A 68 -31.16 -25.31 -13.87
CA THR A 68 -31.95 -26.06 -14.86
CA THR A 68 -32.04 -26.07 -14.76
C THR A 68 -32.64 -25.11 -15.76
N GLY A 69 -33.01 -25.57 -16.97
CA GLY A 69 -33.82 -24.79 -17.92
C GLY A 69 -34.25 -25.55 -19.15
N ALA A 70 -34.87 -24.86 -20.10
CA ALA A 70 -35.39 -25.48 -21.30
C ALA A 70 -34.28 -25.61 -22.34
N ILE A 71 -34.35 -26.66 -23.15
CA ILE A 71 -33.60 -26.79 -24.39
C ILE A 71 -34.74 -26.73 -25.43
N THR A 72 -34.50 -25.97 -26.47
CA THR A 72 -35.48 -25.79 -27.52
CA THR A 72 -35.48 -25.78 -27.52
C THR A 72 -34.86 -25.92 -28.89
N GLY A 73 -33.56 -26.23 -28.95
CA GLY A 73 -32.91 -26.44 -30.25
C GLY A 73 -31.50 -26.93 -30.08
N SER A 74 -30.73 -26.91 -31.17
CA SER A 74 -29.40 -27.50 -31.18
C SER A 74 -28.28 -26.63 -30.56
N GLN A 75 -28.58 -25.39 -30.18
CA GLN A 75 -27.65 -24.52 -29.43
CA GLN A 75 -27.64 -24.62 -29.37
C GLN A 75 -28.41 -23.94 -28.27
N THR A 76 -27.85 -23.99 -27.04
CA THR A 76 -28.59 -23.47 -25.89
C THR A 76 -27.62 -22.60 -25.09
N THR A 77 -28.09 -21.43 -24.57
CA THR A 77 -27.28 -20.73 -23.60
C THR A 77 -27.92 -20.88 -22.21
N ALA A 78 -27.20 -21.50 -21.29
CA ALA A 78 -27.68 -21.64 -19.92
C ALA A 78 -27.22 -20.41 -19.13
N SER A 79 -28.17 -19.61 -18.63
CA SER A 79 -27.84 -18.46 -17.78
C SER A 79 -28.34 -18.71 -16.39
N PHE A 80 -27.49 -18.52 -15.38
CA PHE A 80 -27.88 -18.71 -13.99
C PHE A 80 -26.93 -17.94 -13.11
N GLU A 81 -27.12 -18.00 -11.81
CA GLU A 81 -26.33 -17.18 -10.85
C GLU A 81 -25.75 -18.11 -9.82
N TYR A 82 -24.56 -17.81 -9.32
CA TYR A 82 -23.98 -18.66 -8.29
C TYR A 82 -23.16 -17.85 -7.27
N GLY A 83 -23.19 -18.22 -5.99
CA GLY A 83 -22.76 -17.29 -4.92
C GLY A 83 -21.36 -17.46 -4.34
N GLN A 84 -20.67 -18.48 -4.77
CA GLN A 84 -19.46 -18.86 -4.09
C GLN A 84 -18.29 -18.90 -5.05
N GLY A 85 -17.24 -18.15 -4.78
CA GLY A 85 -16.00 -18.24 -5.60
C GLY A 85 -15.30 -19.59 -5.54
N GLY A 86 -14.54 -19.93 -6.59
CA GLY A 86 -13.60 -21.06 -6.54
C GLY A 86 -13.55 -21.71 -7.95
N LEU A 87 -12.98 -22.93 -8.01
CA LEU A 87 -12.91 -23.70 -9.27
C LEU A 87 -13.75 -24.95 -9.07
N TYR A 88 -14.60 -25.31 -10.07
CA TYR A 88 -15.57 -26.42 -9.96
C TYR A 88 -15.50 -27.18 -11.28
N GLN A 89 -15.73 -28.49 -11.18
CA GLN A 89 -15.90 -29.34 -12.36
C GLN A 89 -17.37 -29.26 -12.75
N MET A 90 -17.61 -28.68 -13.91
CA MET A 90 -18.98 -28.50 -14.40
C MET A 90 -19.39 -29.60 -15.37
N GLU A 91 -20.61 -30.10 -15.23
CA GLU A 91 -21.14 -31.03 -16.24
C GLU A 91 -22.50 -30.47 -16.61
N ILE A 92 -22.91 -30.57 -17.86
CA ILE A 92 -24.25 -30.17 -18.25
C ILE A 92 -24.88 -31.38 -18.89
N GLU A 93 -26.10 -31.63 -18.48
CA GLU A 93 -26.83 -32.83 -18.86
C GLU A 93 -28.00 -32.32 -19.71
N ALA A 94 -28.35 -33.02 -20.82
CA ALA A 94 -29.57 -32.75 -21.59
C ALA A 94 -30.52 -33.96 -21.32
N CYS A 95 -31.78 -33.63 -21.10
CA CYS A 95 -32.74 -34.69 -20.72
C CYS A 95 -33.98 -34.66 -21.64
N ASP A 96 -34.52 -35.86 -21.93
CA ASP A 96 -35.85 -35.98 -22.50
C ASP A 96 -36.67 -36.94 -21.61
N ALA A 97 -37.85 -37.33 -22.05
CA ALA A 97 -38.70 -38.19 -21.24
C ALA A 97 -38.08 -39.57 -21.07
N THR A 98 -37.07 -39.90 -21.88
CA THR A 98 -36.44 -41.22 -21.79
C THR A 98 -35.20 -41.23 -20.94
N GLY A 99 -34.59 -40.06 -20.64
CA GLY A 99 -33.30 -40.20 -19.91
C GLY A 99 -32.46 -38.92 -20.12
N CYS A 100 -31.26 -38.91 -19.53
CA CYS A 100 -30.37 -37.76 -19.55
C CYS A 100 -29.03 -38.18 -20.07
N SER A 101 -28.31 -37.24 -20.71
CA SER A 101 -26.96 -37.54 -21.12
C SER A 101 -26.09 -36.41 -20.67
N LYS A 102 -25.03 -36.71 -19.92
CA LYS A 102 -24.20 -35.64 -19.29
C LYS A 102 -22.95 -35.37 -20.19
N SER A 103 -22.60 -34.11 -20.36
CA SER A 103 -21.27 -33.75 -20.97
C SER A 103 -20.14 -34.34 -20.14
N ALA A 104 -18.95 -34.40 -20.76
CA ALA A 104 -17.76 -34.65 -20.02
C ALA A 104 -17.56 -33.38 -19.12
N PRO A 105 -16.94 -33.54 -17.93
CA PRO A 105 -16.72 -32.43 -16.97
C PRO A 105 -15.65 -31.48 -17.52
N VAL A 106 -15.78 -30.20 -17.18
CA VAL A 106 -14.82 -29.19 -17.59
C VAL A 106 -14.71 -28.18 -16.42
N GLU A 107 -13.50 -27.67 -16.21
CA GLU A 107 -13.28 -26.74 -15.07
C GLU A 107 -13.84 -25.39 -15.39
N ILE A 108 -14.70 -24.90 -14.49
CA ILE A 108 -15.18 -23.49 -14.59
C ILE A 108 -14.57 -22.65 -13.44
N THR A 109 -14.32 -21.38 -13.67
CA THR A 109 -13.71 -20.54 -12.58
C THR A 109 -14.76 -19.52 -12.19
N ILE A 110 -15.04 -19.38 -10.88
CA ILE A 110 -15.88 -18.28 -10.44
C ILE A 110 -14.95 -17.40 -9.56
N ALA A 111 -14.44 -16.35 -10.13
CA ALA A 111 -13.53 -15.41 -9.40
C ALA A 111 -14.24 -14.74 -8.21
N ASP A 112 -13.49 -14.64 -7.09
CA ASP A 112 -13.91 -13.74 -6.04
C ASP A 112 -12.69 -13.01 -5.49
N THR A 113 -12.93 -11.90 -4.80
CA THR A 113 -11.81 -11.00 -4.50
C THR A 113 -11.07 -11.39 -3.22
N ASP A 114 -11.37 -12.56 -2.68
CA ASP A 114 -10.54 -13.12 -1.64
C ASP A 114 -9.49 -14.04 -2.25
N GLY A 115 -9.49 -14.23 -3.56
CA GLY A 115 -8.54 -15.11 -4.20
C GLY A 115 -8.86 -16.61 -4.03
N SER A 116 -10.10 -16.95 -3.66
CA SER A 116 -10.49 -18.39 -3.53
C SER A 116 -10.40 -19.16 -4.86
N HIS A 117 -10.37 -18.49 -5.99
CA HIS A 117 -10.14 -19.19 -7.25
C HIS A 117 -8.65 -19.32 -7.66
N LEU A 118 -7.70 -18.87 -6.82
CA LEU A 118 -6.31 -18.70 -7.28
C LEU A 118 -5.34 -19.63 -6.57
N LYS A 119 -4.29 -20.07 -7.26
CA LYS A 119 -3.24 -20.81 -6.53
C LYS A 119 -2.34 -19.79 -5.85
N PRO A 120 -1.59 -20.25 -4.81
CA PRO A 120 -0.60 -19.36 -4.17
C PRO A 120 0.34 -18.75 -5.18
N LEU A 121 0.66 -17.48 -4.97
CA LEU A 121 1.48 -16.75 -5.91
C LEU A 121 2.92 -17.31 -6.00
N THR A 122 3.45 -17.41 -7.21
CA THR A 122 4.86 -17.76 -7.42
C THR A 122 5.73 -16.53 -7.23
N MET A 123 6.70 -16.64 -6.34
CA MET A 123 7.52 -15.41 -5.99
C MET A 123 8.77 -15.29 -6.81
N ASN A 124 9.27 -14.08 -6.94
CA ASN A 124 10.53 -13.83 -7.64
C ASN A 124 11.27 -12.77 -6.89
N VAL A 125 11.76 -13.17 -5.73
CA VAL A 125 12.36 -12.22 -4.77
C VAL A 125 13.88 -12.17 -4.94
N ASP A 126 14.48 -10.95 -4.91
CA ASP A 126 15.95 -10.85 -4.92
C ASP A 126 16.57 -11.62 -3.74
N PRO A 127 17.50 -12.57 -4.03
CA PRO A 127 18.07 -13.39 -2.97
C PRO A 127 18.95 -12.64 -2.00
N ASN A 128 19.25 -11.35 -2.21
CA ASN A 128 19.94 -10.58 -1.23
C ASN A 128 19.00 -10.41 0.01
N ASN A 129 17.67 -10.57 -0.20
CA ASN A 129 16.76 -10.67 0.96
C ASN A 129 16.97 -12.00 1.72
N LYS A 130 17.45 -11.95 2.95
CA LYS A 130 17.75 -13.20 3.71
C LYS A 130 16.59 -13.74 4.48
N SER A 131 16.60 -15.01 4.83
CA SER A 131 15.51 -15.55 5.66
C SER A 131 15.77 -15.27 7.13
N TYR A 132 14.74 -14.85 7.84
CA TYR A 132 14.84 -14.71 9.29
C TYR A 132 13.72 -15.49 9.94
N ASN A 133 13.83 -15.65 11.25
CA ASN A 133 12.78 -16.28 12.01
C ASN A 133 12.38 -15.38 13.14
N THR A 134 11.99 -14.15 12.80
CA THR A 134 11.64 -13.18 13.82
C THR A 134 10.33 -13.57 14.43
N ASP A 135 10.21 -13.34 15.74
CA ASP A 135 8.96 -13.59 16.50
C ASP A 135 7.75 -13.03 15.73
N PRO A 136 6.76 -13.89 15.40
CA PRO A 136 5.60 -13.50 14.60
C PRO A 136 4.77 -12.36 15.20
N SER A 137 4.98 -12.06 16.48
CA SER A 137 4.25 -10.95 17.12
C SER A 137 4.91 -9.54 16.95
N ILE A 138 6.11 -9.48 16.38
CA ILE A 138 6.74 -8.19 16.07
C ILE A 138 6.22 -7.73 14.72
N VAL A 139 5.78 -6.45 14.65
CA VAL A 139 5.34 -5.89 13.37
C VAL A 139 6.58 -5.68 12.50
N MET A 140 6.52 -6.13 11.24
CA MET A 140 7.60 -5.82 10.24
C MET A 140 6.78 -5.40 9.02
N GLY A 141 6.61 -4.08 8.83
CA GLY A 141 5.69 -3.59 7.83
C GLY A 141 6.43 -2.88 6.70
N THR A 142 5.78 -2.82 5.57
CA THR A 142 6.28 -1.96 4.51
C THR A 142 5.15 -1.42 3.65
N TYR A 143 5.45 -0.35 2.90
CA TYR A 143 4.50 0.14 1.90
C TYR A 143 4.92 -0.39 0.51
N PHE A 144 3.93 -0.85 -0.24
CA PHE A 144 4.12 -1.24 -1.64
C PHE A 144 3.31 -0.17 -2.37
N VAL A 145 3.93 0.47 -3.34
CA VAL A 145 3.19 1.54 -4.14
C VAL A 145 2.64 1.05 -5.45
N GLU A 146 1.41 1.43 -5.76
CA GLU A 146 0.70 1.01 -6.99
C GLU A 146 1.45 1.34 -8.27
N TRP A 147 2.08 2.50 -8.30
CA TRP A 147 2.87 2.93 -9.47
C TRP A 147 4.27 2.36 -9.62
N GLY A 148 4.69 1.50 -8.71
CA GLY A 148 6.01 0.95 -8.74
C GLY A 148 6.15 -0.06 -9.86
N ILE A 149 5.01 -0.47 -10.48
CA ILE A 149 5.04 -1.46 -11.57
C ILE A 149 5.53 -0.88 -12.91
N TYR A 150 5.66 0.46 -12.96
CA TYR A 150 5.95 1.14 -14.21
C TYR A 150 7.49 1.21 -14.31
N GLY A 151 8.04 2.40 -14.31
CA GLY A 151 9.54 2.58 -14.47
C GLY A 151 10.35 1.84 -13.43
N ARG A 152 9.87 1.80 -12.20
CA ARG A 152 10.56 1.12 -11.15
C ARG A 152 10.55 -0.41 -11.32
N ASP A 153 9.59 -0.90 -12.09
CA ASP A 153 9.51 -2.28 -12.49
C ASP A 153 9.48 -3.29 -11.33
N TYR A 154 8.71 -2.96 -10.28
CA TYR A 154 8.75 -3.75 -9.06
C TYR A 154 7.30 -4.21 -8.80
N THR A 155 7.10 -5.52 -8.87
CA THR A 155 5.72 -6.01 -8.84
C THR A 155 5.54 -6.85 -7.56
N VAL A 156 4.30 -7.19 -7.25
CA VAL A 156 3.96 -7.91 -6.05
C VAL A 156 4.79 -9.16 -5.75
N ASP A 157 5.11 -9.93 -6.81
CA ASP A 157 5.90 -11.17 -6.64
C ASP A 157 7.36 -10.86 -6.34
N ASN A 158 7.77 -9.59 -6.40
CA ASN A 158 9.16 -9.22 -5.97
C ASN A 158 9.24 -8.97 -4.45
N MET A 159 8.12 -8.80 -3.76
CA MET A 159 8.19 -8.53 -2.31
C MET A 159 8.70 -9.70 -1.51
N PRO A 160 9.57 -9.43 -0.54
CA PRO A 160 10.07 -10.48 0.34
C PRO A 160 9.07 -10.77 1.43
N VAL A 161 7.96 -11.37 1.04
CA VAL A 161 6.83 -11.46 1.96
C VAL A 161 7.04 -12.25 3.18
N ASP A 162 7.98 -13.20 3.17
CA ASP A 162 8.15 -13.98 4.32
C ASP A 162 8.89 -13.20 5.37
N ASN A 163 9.42 -12.02 5.01
CA ASN A 163 9.99 -11.13 6.01
C ASN A 163 9.07 -9.96 6.38
N LEU A 164 7.77 -10.09 6.11
CA LEU A 164 6.85 -8.98 6.40
C LEU A 164 5.65 -9.52 7.17
N THR A 165 5.06 -8.68 8.03
CA THR A 165 3.79 -9.04 8.61
C THR A 165 2.65 -8.17 8.06
N HIS A 166 2.98 -6.97 7.59
CA HIS A 166 1.97 -6.04 7.07
C HIS A 166 2.48 -5.41 5.76
N ILE A 167 1.61 -5.41 4.75
CA ILE A 167 1.86 -4.70 3.50
CA ILE A 167 1.87 -4.67 3.54
C ILE A 167 0.81 -3.59 3.44
N LEU A 168 1.27 -2.35 3.39
CA LEU A 168 0.34 -1.22 3.26
C LEU A 168 0.37 -0.81 1.77
N TYR A 169 -0.78 -0.88 1.11
CA TYR A 169 -0.83 -0.59 -0.32
C TYR A 169 -1.10 0.91 -0.52
N GLY A 170 -0.10 1.63 -1.07
CA GLY A 170 -0.15 3.10 -1.27
C GLY A 170 -0.50 3.40 -2.75
N PHE A 171 -1.50 4.27 -3.02
CA PHE A 171 -2.42 4.90 -2.06
C PHE A 171 -3.80 4.94 -2.69
N ILE A 172 -4.81 4.88 -1.82
CA ILE A 172 -6.23 5.03 -2.24
C ILE A 172 -6.68 6.49 -2.07
N PRO A 173 -7.10 7.17 -3.18
CA PRO A 173 -7.44 8.58 -3.03
C PRO A 173 -8.91 8.71 -2.63
N ILE A 174 -9.30 9.93 -2.28
CA ILE A 174 -10.69 10.23 -1.91
C ILE A 174 -11.21 11.29 -2.87
N CYS A 175 -12.37 11.12 -3.47
CA CYS A 175 -12.92 12.09 -4.43
C CYS A 175 -13.26 13.37 -3.71
N GLY A 176 -13.05 14.50 -4.39
CA GLY A 176 -13.37 15.83 -3.75
C GLY A 176 -12.26 16.84 -4.06
N PRO A 177 -12.07 17.80 -3.18
CA PRO A 177 -11.02 18.84 -3.38
C PRO A 177 -9.66 18.14 -3.35
N ASN A 178 -8.86 18.36 -4.40
CA ASN A 178 -7.62 17.62 -4.54
C ASN A 178 -6.63 18.49 -5.30
N GLU A 179 -6.59 19.78 -4.98
CA GLU A 179 -5.59 20.70 -5.60
C GLU A 179 -4.17 20.24 -5.44
N SER A 180 -3.85 19.66 -4.27
CA SER A 180 -2.49 19.17 -4.06
C SER A 180 -2.06 18.17 -5.12
N VAL A 181 -3.02 17.35 -5.61
CA VAL A 181 -2.74 16.38 -6.63
C VAL A 181 -2.39 17.12 -7.97
N LYS A 182 -3.09 18.19 -8.27
CA LYS A 182 -2.79 18.94 -9.51
C LYS A 182 -1.32 19.37 -9.52
N SER A 183 -0.84 19.83 -8.36
CA SER A 183 0.51 20.49 -8.28
C SER A 183 1.64 19.59 -8.49
N VAL A 184 1.43 18.30 -8.35
CA VAL A 184 2.46 17.31 -8.57
C VAL A 184 2.71 17.05 -10.07
N GLY A 185 1.83 17.54 -10.92
CA GLY A 185 2.06 17.35 -12.38
C GLY A 185 1.87 15.92 -12.86
N GLY A 186 2.29 15.63 -14.08
CA GLY A 186 2.05 14.25 -14.63
C GLY A 186 0.54 13.95 -14.73
N ASN A 187 0.17 12.64 -14.69
CA ASN A 187 -1.20 12.32 -14.99
C ASN A 187 -1.99 12.07 -13.72
N SER A 188 -1.37 12.25 -12.55
CA SER A 188 -2.06 11.86 -11.30
C SER A 188 -3.43 12.55 -11.14
N PHE A 189 -3.51 13.87 -11.40
CA PHE A 189 -4.79 14.53 -11.15
C PHE A 189 -5.83 14.10 -12.22
N ASN A 190 -5.36 14.01 -13.48
CA ASN A 190 -6.27 13.61 -14.56
C ASN A 190 -6.85 12.19 -14.31
N ALA A 191 -5.99 11.30 -13.82
CA ALA A 191 -6.41 9.93 -13.43
C ALA A 191 -7.49 10.00 -12.36
N LEU A 192 -7.31 10.89 -11.36
CA LEU A 192 -8.28 10.98 -10.25
C LEU A 192 -9.56 11.59 -10.71
N GLN A 193 -9.49 12.62 -11.57
CA GLN A 193 -10.70 13.28 -12.03
C GLN A 193 -11.56 12.25 -12.80
N THR A 194 -10.88 11.42 -13.61
CA THR A 194 -11.57 10.40 -14.41
C THR A 194 -12.24 9.38 -13.45
N ALA A 195 -11.45 8.87 -12.47
CA ALA A 195 -11.96 7.87 -11.48
C ALA A 195 -13.19 8.41 -10.72
N CYS A 196 -13.24 9.72 -10.49
CA CYS A 196 -14.29 10.31 -9.66
C CYS A 196 -15.56 10.79 -10.46
N ARG A 197 -15.56 10.67 -11.78
CA ARG A 197 -16.78 11.05 -12.54
C ARG A 197 -17.92 10.13 -12.17
N GLY A 198 -19.11 10.64 -11.79
CA GLY A 198 -20.16 9.74 -11.35
C GLY A 198 -20.01 9.22 -9.92
N VAL A 199 -19.00 9.72 -9.18
CA VAL A 199 -18.76 9.29 -7.78
C VAL A 199 -19.05 10.44 -6.82
N ASN A 200 -19.66 10.13 -5.68
CA ASN A 200 -19.91 11.25 -4.70
C ASN A 200 -18.59 11.74 -4.12
N ASP A 201 -18.48 13.05 -3.87
CA ASP A 201 -17.34 13.50 -3.06
C ASP A 201 -17.23 12.77 -1.74
N TYR A 202 -15.98 12.57 -1.31
CA TYR A 202 -15.59 11.92 0.00
C TYR A 202 -15.69 10.43 -0.03
N GLU A 203 -15.89 9.79 -1.20
CA GLU A 203 -15.84 8.34 -1.32
C GLU A 203 -14.47 8.00 -1.87
N VAL A 204 -13.97 6.86 -1.45
CA VAL A 204 -12.69 6.29 -2.02
C VAL A 204 -12.90 5.72 -3.42
N VAL A 205 -11.83 5.75 -4.23
CA VAL A 205 -11.84 5.17 -5.57
C VAL A 205 -10.46 4.58 -5.79
N ILE A 206 -10.32 3.69 -6.79
CA ILE A 206 -8.99 3.27 -7.20
C ILE A 206 -8.38 4.31 -8.14
N HIS A 207 -7.15 4.70 -7.86
CA HIS A 207 -6.54 5.79 -8.62
C HIS A 207 -6.15 5.32 -10.03
N ASP A 208 -5.54 4.15 -10.11
CA ASP A 208 -5.02 3.66 -11.41
C ASP A 208 -5.55 2.21 -11.62
N PRO A 209 -6.72 2.08 -12.28
CA PRO A 209 -7.32 0.74 -12.41
C PRO A 209 -6.43 -0.20 -13.29
N TRP A 210 -5.62 0.37 -14.15
CA TRP A 210 -4.71 -0.47 -14.97
C TRP A 210 -3.71 -1.20 -14.11
N ALA A 211 -3.05 -0.45 -13.22
CA ALA A 211 -2.15 -1.11 -12.26
C ALA A 211 -2.94 -1.98 -11.29
N ALA A 212 -4.17 -1.58 -10.88
CA ALA A 212 -4.83 -2.30 -9.76
C ALA A 212 -5.37 -3.64 -10.24
N TYR A 213 -6.12 -3.62 -11.37
CA TYR A 213 -6.73 -4.86 -11.82
C TYR A 213 -6.84 -5.19 -13.30
N GLN A 214 -6.32 -4.33 -14.17
CA GLN A 214 -6.36 -4.64 -15.63
C GLN A 214 -5.08 -5.22 -16.24
N LYS A 215 -3.91 -4.78 -15.76
CA LYS A 215 -2.69 -5.16 -16.42
C LYS A 215 -2.48 -6.64 -16.30
N SER A 216 -2.17 -7.31 -17.43
CA SER A 216 -1.94 -8.75 -17.40
C SER A 216 -0.50 -9.08 -16.98
N PHE A 217 -0.32 -9.85 -15.90
CA PHE A 217 0.99 -10.20 -15.43
C PHE A 217 1.26 -11.65 -15.76
N PRO A 218 2.20 -11.87 -16.71
CA PRO A 218 2.48 -13.27 -17.15
C PRO A 218 2.97 -14.14 -15.96
N GLN A 219 3.82 -13.59 -15.08
CA GLN A 219 4.31 -14.36 -13.93
C GLN A 219 3.16 -14.83 -13.02
N ALA A 220 1.97 -14.23 -13.10
CA ALA A 220 0.86 -14.61 -12.26
C ALA A 220 -0.07 -15.56 -12.99
N GLY A 221 0.29 -15.86 -14.23
CA GLY A 221 -0.55 -16.74 -14.99
C GLY A 221 -1.78 -16.08 -15.55
N HIS A 222 -1.84 -14.75 -15.56
CA HIS A 222 -2.94 -14.05 -16.23
C HIS A 222 -3.09 -14.35 -17.73
N GLU A 223 -4.33 -14.49 -18.15
CA GLU A 223 -4.74 -14.79 -19.57
C GLU A 223 -5.75 -13.74 -20.02
N TYR A 224 -6.13 -13.75 -21.31
CA TYR A 224 -7.02 -12.68 -21.83
C TYR A 224 -8.32 -12.60 -21.02
N SER A 225 -8.84 -13.79 -20.68
CA SER A 225 -10.16 -13.96 -20.08
CA SER A 225 -10.17 -13.84 -20.06
C SER A 225 -10.15 -13.90 -18.54
N THR A 226 -8.97 -13.79 -17.96
CA THR A 226 -8.87 -13.73 -16.44
C THR A 226 -9.69 -12.58 -15.90
N PRO A 227 -10.62 -12.83 -14.97
CA PRO A 227 -11.58 -11.79 -14.64
C PRO A 227 -10.99 -10.70 -13.74
N ILE A 228 -9.88 -11.01 -13.06
CA ILE A 228 -9.23 -10.03 -12.17
C ILE A 228 -7.78 -10.14 -12.49
N LYS A 229 -7.17 -9.03 -12.82
CA LYS A 229 -5.72 -9.05 -13.17
C LYS A 229 -5.00 -8.01 -12.29
N GLY A 230 -3.86 -7.49 -12.72
CA GLY A 230 -3.30 -6.37 -11.98
C GLY A 230 -2.64 -6.74 -10.65
N ASN A 231 -2.19 -5.69 -9.95
CA ASN A 231 -1.65 -5.84 -8.63
C ASN A 231 -2.62 -6.56 -7.65
N TYR A 232 -3.91 -6.24 -7.75
CA TYR A 232 -4.93 -6.76 -6.86
C TYR A 232 -5.06 -8.28 -7.04
N ALA A 233 -5.11 -8.76 -8.26
CA ALA A 233 -5.07 -10.27 -8.45
C ALA A 233 -3.83 -10.92 -7.87
N MET A 234 -2.67 -10.25 -7.99
CA MET A 234 -1.45 -10.80 -7.37
C MET A 234 -1.48 -10.78 -5.86
N LEU A 235 -2.09 -9.72 -5.26
CA LEU A 235 -2.22 -9.66 -3.81
C LEU A 235 -3.20 -10.74 -3.30
N MET A 236 -4.24 -11.03 -4.10
CA MET A 236 -5.11 -12.12 -3.74
C MET A 236 -4.36 -13.46 -3.75
N ALA A 237 -3.62 -13.76 -4.83
CA ALA A 237 -2.77 -14.96 -4.91
C ALA A 237 -1.70 -14.96 -3.79
N LEU A 238 -1.16 -13.77 -3.43
CA LEU A 238 -0.27 -13.73 -2.26
C LEU A 238 -0.92 -14.15 -0.91
N LYS A 239 -2.16 -13.74 -0.66
CA LYS A 239 -2.87 -14.19 0.52
CA LYS A 239 -2.94 -14.17 0.51
C LYS A 239 -3.14 -15.69 0.51
N GLN A 240 -3.26 -16.28 -0.66
CA GLN A 240 -3.34 -17.75 -0.68
C GLN A 240 -2.00 -18.42 -0.25
N ARG A 241 -0.85 -17.79 -0.55
CA ARG A 241 0.47 -18.25 -0.17
C ARG A 241 0.75 -17.98 1.31
N ASN A 242 0.26 -16.84 1.84
CA ASN A 242 0.69 -16.34 3.16
C ASN A 242 -0.57 -15.89 3.82
N PRO A 243 -1.40 -16.84 4.29
CA PRO A 243 -2.74 -16.37 4.77
C PRO A 243 -2.74 -15.46 6.02
N ASP A 244 -1.66 -15.43 6.77
CA ASP A 244 -1.58 -14.53 7.95
C ASP A 244 -0.96 -13.15 7.69
N LEU A 245 -0.54 -12.90 6.45
CA LEU A 245 0.04 -11.59 6.10
C LEU A 245 -1.12 -10.58 6.05
N LYS A 246 -0.99 -9.41 6.65
CA LYS A 246 -2.13 -8.43 6.59
C LYS A 246 -1.81 -7.51 5.40
N ILE A 247 -2.75 -7.36 4.52
CA ILE A 247 -2.60 -6.47 3.38
C ILE A 247 -3.66 -5.34 3.61
N ILE A 248 -3.22 -4.09 3.72
CA ILE A 248 -4.10 -3.03 4.21
C ILE A 248 -4.04 -1.87 3.20
N PRO A 249 -5.18 -1.37 2.71
CA PRO A 249 -5.08 -0.19 1.80
C PRO A 249 -4.76 1.06 2.62
N SER A 250 -3.86 1.86 2.12
CA SER A 250 -3.52 3.14 2.76
C SER A 250 -4.23 4.27 2.01
N ILE A 251 -5.10 4.97 2.74
CA ILE A 251 -5.97 6.00 2.15
C ILE A 251 -5.28 7.37 2.40
N GLY A 252 -5.03 8.12 1.34
CA GLY A 252 -4.44 9.46 1.48
C GLY A 252 -2.96 9.47 1.15
N GLY A 253 -2.15 9.86 2.11
CA GLY A 253 -0.68 10.11 1.89
C GLY A 253 -0.50 11.60 1.60
N GLY A 254 0.74 12.01 1.36
CA GLY A 254 1.04 13.44 1.29
C GLY A 254 0.30 14.24 0.23
N THR A 255 0.17 13.69 -0.97
CA THR A 255 -0.50 14.47 -1.97
C THR A 255 -2.02 14.28 -2.03
N LEU A 256 -2.51 13.16 -1.49
CA LEU A 256 -3.96 12.84 -1.57
C LEU A 256 -4.72 13.13 -0.26
N SER A 257 -4.19 13.98 0.60
CA SER A 257 -4.87 14.26 1.89
C SER A 257 -5.86 15.45 1.83
N ASP A 258 -5.94 16.23 0.75
CA ASP A 258 -6.81 17.43 0.81
C ASP A 258 -8.26 17.17 1.33
N PRO A 259 -8.93 16.08 0.83
CA PRO A 259 -10.33 15.92 1.29
C PRO A 259 -10.50 15.75 2.80
N PHE A 260 -9.45 15.29 3.50
CA PHE A 260 -9.60 15.03 4.96
C PHE A 260 -9.88 16.30 5.69
N TYR A 261 -9.46 17.46 5.13
CA TYR A 261 -9.72 18.69 5.90
C TYR A 261 -11.20 19.07 5.89
N ASP A 262 -12.04 18.37 5.14
CA ASP A 262 -13.49 18.58 5.19
C ASP A 262 -14.17 17.55 6.10
N PHE A 263 -13.39 16.75 6.81
CA PHE A 263 -13.98 15.77 7.70
C PHE A 263 -14.37 16.40 9.03
N VAL A 264 -14.14 17.70 9.21
CA VAL A 264 -14.87 18.38 10.31
C VAL A 264 -16.38 18.34 10.19
N ASP A 265 -16.90 18.20 8.95
CA ASP A 265 -18.34 17.90 8.79
C ASP A 265 -18.61 16.41 8.85
N LYS A 266 -19.37 15.97 9.83
CA LYS A 266 -19.64 14.57 10.02
C LYS A 266 -20.35 13.92 8.82
N LYS A 267 -21.20 14.65 8.05
CA LYS A 267 -21.79 13.96 6.89
C LYS A 267 -20.70 13.51 5.92
N ASN A 268 -19.61 14.28 5.82
CA ASN A 268 -18.51 13.83 4.89
C ASN A 268 -17.81 12.56 5.46
N ARG A 269 -17.67 12.48 6.79
CA ARG A 269 -17.12 11.29 7.40
C ARG A 269 -18.03 10.16 7.12
N ASP A 270 -19.34 10.39 7.25
CA ASP A 270 -20.28 9.25 7.12
C ASP A 270 -20.17 8.72 5.69
N THR A 271 -20.11 9.62 4.72
CA THR A 271 -20.00 9.20 3.29
C THR A 271 -18.72 8.35 3.12
N PHE A 272 -17.61 8.91 3.66
CA PHE A 272 -16.30 8.20 3.55
C PHE A 272 -16.32 6.83 4.21
N VAL A 273 -16.76 6.73 5.46
CA VAL A 273 -16.76 5.46 6.15
C VAL A 273 -17.65 4.44 5.41
N ALA A 274 -18.79 4.90 4.89
CA ALA A 274 -19.64 3.93 4.14
C ALA A 274 -18.91 3.45 2.88
N SER A 275 -18.19 4.38 2.23
CA SER A 275 -17.43 4.02 0.98
C SER A 275 -16.31 3.01 1.32
N VAL A 276 -15.64 3.19 2.47
CA VAL A 276 -14.66 2.23 2.93
C VAL A 276 -15.26 0.86 3.21
N LYS A 277 -16.42 0.85 3.84
CA LYS A 277 -17.07 -0.44 4.05
C LYS A 277 -17.34 -1.17 2.70
N LYS A 278 -17.84 -0.47 1.71
CA LYS A 278 -18.17 -1.03 0.44
C LYS A 278 -16.93 -1.49 -0.24
N PHE A 279 -15.86 -0.66 -0.12
CA PHE A 279 -14.58 -1.02 -0.71
C PHE A 279 -14.04 -2.36 -0.14
N LEU A 280 -14.16 -2.57 1.19
CA LEU A 280 -13.59 -3.78 1.84
C LEU A 280 -14.56 -4.96 1.54
N LYS A 281 -15.83 -4.68 1.30
CA LYS A 281 -16.69 -5.82 0.85
C LYS A 281 -16.50 -6.18 -0.62
N THR A 282 -16.06 -5.21 -1.45
CA THR A 282 -15.74 -5.40 -2.85
C THR A 282 -14.38 -6.10 -3.00
N TRP A 283 -13.39 -5.71 -2.16
CA TRP A 283 -12.02 -6.21 -2.37
C TRP A 283 -11.62 -7.01 -1.11
N LYS A 284 -11.99 -8.28 -1.08
CA LYS A 284 -12.03 -8.99 0.22
C LYS A 284 -10.63 -9.46 0.66
N PHE A 285 -9.59 -9.31 -0.19
CA PHE A 285 -8.22 -9.66 0.24
C PHE A 285 -7.65 -8.60 1.27
N TYR A 286 -8.24 -7.41 1.33
CA TYR A 286 -7.79 -6.36 2.27
C TYR A 286 -8.25 -6.71 3.71
N ASP A 287 -7.38 -6.47 4.70
CA ASP A 287 -7.55 -6.86 6.06
C ASP A 287 -7.79 -5.70 7.05
N GLY A 288 -8.17 -4.53 6.53
CA GLY A 288 -8.38 -3.38 7.40
C GLY A 288 -8.26 -2.10 6.61
N VAL A 289 -7.93 -1.02 7.33
CA VAL A 289 -7.74 0.25 6.66
C VAL A 289 -6.68 1.03 7.40
N ASP A 290 -5.85 1.70 6.60
CA ASP A 290 -4.79 2.57 7.12
C ASP A 290 -5.11 4.00 6.67
N ILE A 291 -5.14 4.95 7.60
CA ILE A 291 -5.48 6.31 7.30
C ILE A 291 -4.19 7.10 7.37
N ASP A 292 -3.86 7.71 6.24
CA ASP A 292 -2.64 8.52 6.15
C ASP A 292 -3.01 9.96 5.87
N TRP A 293 -3.56 10.62 6.89
CA TRP A 293 -3.94 12.07 6.70
C TRP A 293 -2.70 12.90 7.07
N GLU A 294 -2.14 13.58 6.08
CA GLU A 294 -0.93 14.41 6.27
CA GLU A 294 -0.94 14.38 6.34
C GLU A 294 -1.32 15.84 6.06
N PHE A 295 -1.79 16.59 7.10
CA PHE A 295 -1.71 16.26 8.54
C PHE A 295 -2.90 16.99 9.16
N PRO A 296 -3.47 16.38 10.16
CA PRO A 296 -4.38 17.23 10.95
C PRO A 296 -3.68 18.49 11.50
N GLY A 297 -4.38 19.59 11.37
CA GLY A 297 -3.85 20.93 11.73
C GLY A 297 -3.15 21.63 10.58
N GLY A 298 -2.82 20.90 9.51
CA GLY A 298 -2.07 21.41 8.36
C GLY A 298 -0.56 21.21 8.44
N GLY A 299 0.15 22.04 7.69
CA GLY A 299 1.61 21.89 7.54
C GLY A 299 2.00 20.85 6.50
N GLY A 300 1.05 20.40 5.66
CA GLY A 300 1.38 19.42 4.65
C GLY A 300 1.32 20.05 3.27
N ALA A 301 0.87 19.25 2.30
CA ALA A 301 0.85 19.75 0.93
C ALA A 301 -0.15 20.87 0.62
N ALA A 302 -1.25 20.92 1.37
CA ALA A 302 -2.30 21.89 1.12
C ALA A 302 -1.90 23.14 1.99
N ALA A 303 -1.19 24.10 1.36
CA ALA A 303 -0.78 25.28 2.14
C ALA A 303 -1.94 26.10 2.68
N ASP A 304 -3.12 26.03 2.08
CA ASP A 304 -4.22 26.84 2.49
C ASP A 304 -5.21 26.11 3.44
N LYS A 305 -4.83 24.92 3.89
CA LYS A 305 -5.74 24.12 4.69
C LYS A 305 -5.12 23.66 6.01
N GLY A 306 -5.98 23.31 6.94
CA GLY A 306 -5.50 22.83 8.21
C GLY A 306 -6.18 23.63 9.32
N ASP A 307 -6.77 22.91 10.28
CA ASP A 307 -7.53 23.56 11.38
C ASP A 307 -7.06 22.90 12.68
N PRO A 308 -6.14 23.57 13.40
CA PRO A 308 -5.61 22.97 14.62
C PRO A 308 -6.56 22.92 15.78
N VAL A 309 -7.65 23.65 15.70
CA VAL A 309 -8.71 23.46 16.74
C VAL A 309 -9.60 22.25 16.54
N ASN A 310 -9.99 22.00 15.31
CA ASN A 310 -10.98 20.99 14.96
C ASN A 310 -10.51 19.70 14.25
N ASP A 311 -9.32 19.68 13.67
CA ASP A 311 -8.97 18.52 12.85
C ASP A 311 -8.68 17.34 13.76
N GLY A 312 -8.00 17.61 14.87
CA GLY A 312 -7.76 16.59 15.91
C GLY A 312 -9.03 15.82 16.33
N PRO A 313 -10.05 16.56 16.82
CA PRO A 313 -11.23 15.86 17.30
C PRO A 313 -11.89 15.17 16.14
N ALA A 314 -11.80 15.77 14.92
CA ALA A 314 -12.37 15.09 13.73
C ALA A 314 -11.64 13.78 13.40
N TYR A 315 -10.30 13.77 13.54
CA TYR A 315 -9.55 12.56 13.32
C TYR A 315 -9.91 11.47 14.32
N ILE A 316 -10.11 11.90 15.58
CA ILE A 316 -10.48 10.93 16.59
C ILE A 316 -11.86 10.33 16.25
N ALA A 317 -12.83 11.21 15.94
CA ALA A 317 -14.20 10.77 15.58
C ALA A 317 -14.15 9.86 14.36
N LEU A 318 -13.31 10.20 13.39
CA LEU A 318 -13.20 9.30 12.20
C LEU A 318 -12.69 7.92 12.66
N MET A 319 -11.68 7.84 13.52
CA MET A 319 -11.19 6.51 13.98
C MET A 319 -12.31 5.76 14.69
N ARG A 320 -13.04 6.46 15.54
CA ARG A 320 -14.11 5.79 16.28
C ARG A 320 -15.16 5.23 15.27
N GLU A 321 -15.49 6.07 14.28
CA GLU A 321 -16.54 5.72 13.32
C GLU A 321 -16.04 4.60 12.39
N LEU A 322 -14.76 4.64 12.01
CA LEU A 322 -14.16 3.45 11.25
C LEU A 322 -14.16 2.18 12.05
N ARG A 323 -13.87 2.29 13.37
CA ARG A 323 -13.83 1.07 14.19
C ARG A 323 -15.21 0.45 14.37
N VAL A 324 -16.23 1.31 14.53
CA VAL A 324 -17.65 0.85 14.41
C VAL A 324 -18.00 0.10 13.15
N MET A 325 -17.54 0.61 12.01
CA MET A 325 -17.84 -0.03 10.75
C MET A 325 -17.08 -1.32 10.64
N LEU A 326 -15.83 -1.34 11.06
CA LEU A 326 -15.01 -2.51 10.98
C LEU A 326 -15.50 -3.63 11.88
N ASP A 327 -16.02 -3.28 13.05
CA ASP A 327 -16.70 -4.23 13.90
C ASP A 327 -17.90 -4.88 13.21
N GLU A 328 -18.63 -4.12 12.39
CA GLU A 328 -19.73 -4.69 11.58
C GLU A 328 -19.22 -5.67 10.60
N LEU A 329 -18.14 -5.33 9.88
CA LEU A 329 -17.53 -6.34 8.98
C LEU A 329 -17.03 -7.56 9.72
N GLU A 330 -16.45 -7.38 10.93
CA GLU A 330 -15.96 -8.55 11.66
C GLU A 330 -17.18 -9.49 11.97
N ALA A 331 -18.23 -8.88 12.50
CA ALA A 331 -19.48 -9.58 12.81
C ALA A 331 -20.00 -10.31 11.53
N GLU A 332 -20.08 -9.63 10.41
CA GLU A 332 -20.51 -10.27 9.12
C GLU A 332 -19.67 -11.40 8.55
N THR A 333 -18.36 -11.40 8.78
CA THR A 333 -17.42 -12.25 8.03
C THR A 333 -16.71 -13.26 8.94
N GLY A 334 -16.75 -13.02 10.23
CA GLY A 334 -15.91 -13.69 11.19
C GLY A 334 -14.41 -13.48 11.05
N ARG A 335 -14.00 -12.44 10.32
CA ARG A 335 -12.59 -12.10 10.18
C ARG A 335 -12.21 -11.03 11.24
N THR A 336 -10.91 -10.84 11.44
CA THR A 336 -10.40 -9.66 12.20
C THR A 336 -9.98 -8.56 11.21
N TYR A 337 -10.43 -7.32 11.43
CA TYR A 337 -10.04 -6.22 10.58
C TYR A 337 -9.23 -5.24 11.41
N GLU A 338 -8.09 -4.75 10.88
CA GLU A 338 -7.23 -3.86 11.64
C GLU A 338 -7.46 -2.41 11.24
N LEU A 339 -7.25 -1.51 12.19
CA LEU A 339 -7.35 -0.07 11.87
C LEU A 339 -6.02 0.60 12.26
N THR A 340 -5.35 1.24 11.27
CA THR A 340 -4.06 1.85 11.61
C THR A 340 -3.97 3.25 10.98
N SER A 341 -2.90 3.98 11.27
CA SER A 341 -2.75 5.30 10.67
C SER A 341 -1.21 5.61 10.66
N ALA A 342 -0.73 6.24 9.57
CA ALA A 342 0.66 6.74 9.51
C ALA A 342 0.57 8.21 9.86
N ILE A 343 1.39 8.65 10.81
CA ILE A 343 1.18 10.02 11.37
C ILE A 343 2.51 10.79 11.26
N GLY A 344 2.41 12.09 11.13
CA GLY A 344 3.63 12.99 11.28
C GLY A 344 4.13 13.02 12.72
N VAL A 345 5.45 13.15 12.91
CA VAL A 345 5.96 13.08 14.26
C VAL A 345 6.72 14.33 14.69
N GLY A 346 6.64 15.43 13.91
CA GLY A 346 7.18 16.69 14.42
C GLY A 346 6.29 17.08 15.61
N TYR A 347 6.84 17.79 16.60
CA TYR A 347 6.01 18.23 17.75
C TYR A 347 4.78 19.02 17.30
N ASP A 348 4.88 19.83 16.24
CA ASP A 348 3.78 20.71 15.77
C ASP A 348 2.65 19.89 15.10
N LYS A 349 2.96 18.66 14.70
CA LYS A 349 1.91 17.73 14.16
C LYS A 349 1.26 16.99 15.33
N ILE A 350 2.09 16.48 16.21
CA ILE A 350 1.58 15.64 17.35
C ILE A 350 0.70 16.45 18.30
N GLU A 351 1.06 17.71 18.48
CA GLU A 351 0.31 18.59 19.39
C GLU A 351 -1.12 18.84 18.95
N ASP A 352 -1.43 18.50 17.71
CA ASP A 352 -2.78 18.83 17.20
C ASP A 352 -3.77 17.69 17.38
N VAL A 353 -3.31 16.54 17.85
CA VAL A 353 -4.21 15.40 18.06
C VAL A 353 -3.98 14.77 19.41
N ASP A 354 -5.07 14.48 20.13
CA ASP A 354 -4.94 13.61 21.32
C ASP A 354 -4.84 12.14 20.90
N TYR A 355 -3.61 11.67 20.65
CA TYR A 355 -3.47 10.31 20.16
C TYR A 355 -3.79 9.26 21.19
N ALA A 356 -3.66 9.58 22.49
CA ALA A 356 -4.08 8.59 23.48
C ALA A 356 -5.60 8.28 23.39
N ASP A 357 -6.39 9.28 22.97
CA ASP A 357 -7.79 9.11 22.73
C ASP A 357 -8.01 8.33 21.40
N ALA A 358 -7.37 8.81 20.30
CA ALA A 358 -7.52 8.11 19.03
C ALA A 358 -7.09 6.64 19.10
N VAL A 359 -6.01 6.35 19.82
CA VAL A 359 -5.37 5.05 19.64
C VAL A 359 -6.19 3.97 20.33
N GLN A 360 -7.17 4.37 21.18
CA GLN A 360 -7.96 3.31 21.82
C GLN A 360 -8.74 2.54 20.71
N TYR A 361 -8.98 3.17 19.53
CA TYR A 361 -9.82 2.58 18.47
C TYR A 361 -8.94 1.81 17.48
N MET A 362 -7.63 1.92 17.68
CA MET A 362 -6.66 1.55 16.62
C MET A 362 -5.82 0.36 17.01
N ASP A 363 -5.35 -0.37 16.01
CA ASP A 363 -4.39 -1.45 16.29
C ASP A 363 -2.92 -0.97 16.36
N TYR A 364 -2.56 -0.10 15.43
CA TYR A 364 -1.19 0.47 15.35
C TYR A 364 -1.15 1.86 14.87
N ILE A 365 -0.16 2.63 15.34
CA ILE A 365 0.20 3.90 14.69
C ILE A 365 1.57 3.71 14.00
N PHE A 366 1.64 4.03 12.72
CA PHE A 366 2.88 3.98 11.99
C PHE A 366 3.49 5.35 12.12
N ALA A 367 4.54 5.49 12.95
CA ALA A 367 5.16 6.79 13.24
C ALA A 367 6.07 7.10 12.06
N MET A 368 5.73 8.15 11.30
CA MET A 368 6.59 8.48 10.12
CA MET A 368 6.54 8.54 10.13
C MET A 368 7.85 9.22 10.55
N THR A 369 8.82 8.43 11.00
CA THR A 369 10.06 8.98 11.61
C THR A 369 11.09 9.06 10.45
N TYR A 370 10.71 9.86 9.47
CA TYR A 370 11.60 10.16 8.32
C TYR A 370 11.10 11.49 7.74
N ASP A 371 11.75 11.96 6.67
CA ASP A 371 11.43 13.28 6.09
C ASP A 371 11.59 14.44 7.06
N PHE A 372 12.56 14.37 7.98
CA PHE A 372 12.71 15.48 8.98
C PHE A 372 13.37 16.69 8.31
N TYR A 373 14.21 16.41 7.29
CA TYR A 373 14.98 17.40 6.51
C TYR A 373 14.90 16.90 5.09
N GLY A 374 15.10 17.80 4.12
CA GLY A 374 15.08 17.34 2.69
C GLY A 374 15.16 18.53 1.75
N GLY A 375 15.03 18.25 0.44
CA GLY A 375 15.32 19.23 -0.59
C GLY A 375 14.32 20.38 -0.73
N TRP A 376 13.20 20.35 -0.02
CA TRP A 376 12.27 21.49 0.00
C TRP A 376 12.92 22.74 0.58
N ASN A 377 14.07 22.65 1.24
CA ASN A 377 14.82 23.88 1.50
C ASN A 377 16.28 23.55 1.50
N ASN A 378 17.11 24.56 1.77
CA ASN A 378 18.58 24.39 1.60
C ASN A 378 19.33 24.17 2.90
N VAL A 379 18.60 23.76 3.95
CA VAL A 379 19.21 23.52 5.25
C VAL A 379 19.39 21.98 5.40
N PRO A 380 20.65 21.51 5.40
CA PRO A 380 20.84 20.07 5.48
C PRO A 380 20.51 19.61 6.91
N GLY A 381 20.26 18.30 7.04
CA GLY A 381 20.05 17.69 8.38
C GLY A 381 19.76 16.23 8.14
N HIS A 382 19.64 15.43 9.23
CA HIS A 382 19.46 13.99 9.06
C HIS A 382 17.94 13.77 8.87
N GLN A 383 17.56 13.13 7.78
CA GLN A 383 16.09 13.10 7.52
C GLN A 383 15.40 12.00 8.37
N THR A 384 16.17 11.07 8.95
CA THR A 384 15.53 9.93 9.59
C THR A 384 16.30 9.48 10.85
N ALA A 385 17.01 10.45 11.43
CA ALA A 385 17.84 10.15 12.61
C ALA A 385 17.01 9.71 13.83
N LEU A 386 17.59 8.86 14.64
CA LEU A 386 16.97 8.51 15.96
C LEU A 386 17.09 9.68 16.93
N TYR A 387 18.30 10.30 17.00
CA TYR A 387 18.54 11.31 18.03
C TYR A 387 19.10 12.60 17.46
N CYS A 388 19.36 13.58 18.31
CA CYS A 388 19.77 14.90 17.79
C CYS A 388 21.23 14.83 17.25
N GLY A 389 21.45 15.44 16.08
CA GLY A 389 22.73 15.31 15.39
C GLY A 389 23.75 16.33 15.91
N SER A 390 25.00 16.07 15.63
CA SER A 390 26.07 16.98 16.04
C SER A 390 25.90 18.42 15.47
N PHE A 391 25.23 18.56 14.31
CA PHE A 391 25.04 19.85 13.63
C PHE A 391 24.06 20.73 14.35
N MET A 392 23.24 20.19 15.26
CA MET A 392 22.29 21.03 15.97
C MET A 392 22.88 22.08 16.92
N ARG A 393 22.16 23.19 17.08
CA ARG A 393 22.67 24.26 17.96
C ARG A 393 22.36 23.96 19.43
N PRO A 394 23.09 24.59 20.35
CA PRO A 394 22.65 24.51 21.77
C PRO A 394 21.18 24.86 21.94
N GLY A 395 20.45 24.01 22.67
CA GLY A 395 19.02 24.25 22.96
C GLY A 395 18.10 23.85 21.82
N GLN A 396 18.68 23.42 20.71
CA GLN A 396 17.79 23.07 19.54
C GLN A 396 17.13 21.72 19.74
N CYS A 397 17.86 20.77 20.31
CA CYS A 397 17.32 19.38 20.52
C CYS A 397 16.02 19.44 21.31
N ASP A 398 16.06 20.09 22.45
CA ASP A 398 14.78 20.06 23.22
C ASP A 398 13.96 21.29 22.99
N GLY A 399 14.46 22.24 22.20
CA GLY A 399 13.67 23.40 21.91
C GLY A 399 13.88 24.51 22.94
N GLY A 400 14.76 24.28 23.91
CA GLY A 400 15.11 25.32 24.89
C GLY A 400 15.76 26.60 24.39
N GLY A 401 16.40 26.59 23.19
CA GLY A 401 17.35 27.68 22.80
C GLY A 401 16.90 28.62 21.72
N VAL A 402 17.84 29.21 20.96
CA VAL A 402 17.51 30.12 19.81
C VAL A 402 18.26 29.83 18.55
N ASP A 403 17.67 30.14 17.38
CA ASP A 403 18.34 29.83 16.10
C ASP A 403 19.49 30.79 15.79
N GLU A 404 19.99 30.79 14.56
CA GLU A 404 21.15 31.65 14.24
C GLU A 404 20.80 33.15 14.24
N ASN A 405 19.52 33.47 14.02
CA ASN A 405 19.02 34.85 14.11
C ASN A 405 18.60 35.23 15.52
N GLY A 406 18.90 34.39 16.51
CA GLY A 406 18.39 34.62 17.87
C GLY A 406 16.90 34.43 18.16
N GLU A 407 16.13 33.82 17.24
CA GLU A 407 14.69 33.58 17.51
C GLU A 407 14.53 32.25 18.26
N PRO A 408 13.75 32.22 19.39
CA PRO A 408 13.55 30.97 20.18
C PRO A 408 13.05 29.80 19.32
N TYR A 409 13.62 28.62 19.52
CA TYR A 409 13.08 27.45 18.83
C TYR A 409 11.66 27.27 19.29
N LYS A 410 10.80 26.91 18.35
CA LYS A 410 9.39 26.77 18.70
C LYS A 410 9.02 25.45 19.37
N GLY A 411 9.85 24.42 19.25
CA GLY A 411 9.54 23.13 19.90
C GLY A 411 10.73 22.24 19.70
N PRO A 412 10.69 20.99 20.22
CA PRO A 412 11.90 20.18 20.06
C PRO A 412 12.25 19.82 18.60
N ALA A 413 13.49 19.46 18.36
CA ALA A 413 13.90 19.14 17.04
C ALA A 413 13.20 17.96 16.39
N TYR A 414 13.27 17.94 15.06
CA TYR A 414 12.71 16.78 14.35
C TYR A 414 13.68 15.58 14.40
N THR A 415 13.47 14.66 15.35
CA THR A 415 14.22 13.38 15.41
C THR A 415 13.20 12.31 15.71
N ALA A 416 13.57 11.04 15.49
CA ALA A 416 12.59 9.94 15.72
C ALA A 416 12.30 9.82 17.24
N ASP A 417 13.34 9.94 18.06
CA ASP A 417 13.18 9.84 19.51
C ASP A 417 12.28 10.97 20.01
N ASN A 418 12.49 12.21 19.55
CA ASN A 418 11.60 13.28 20.07
C ASN A 418 10.14 12.97 19.75
N GLY A 419 9.88 12.42 18.56
CA GLY A 419 8.49 12.11 18.17
C GLY A 419 7.94 10.97 19.01
N ILE A 420 8.70 9.89 19.16
CA ILE A 420 8.20 8.77 19.92
C ILE A 420 7.96 9.21 21.37
N GLN A 421 8.91 9.97 21.96
CA GLN A 421 8.73 10.40 23.35
C GLN A 421 7.49 11.30 23.49
N LEU A 422 7.23 12.18 22.54
CA LEU A 422 6.02 13.01 22.64
C LEU A 422 4.76 12.17 22.63
N LEU A 423 4.75 11.13 21.84
CA LEU A 423 3.55 10.30 21.70
C LEU A 423 3.43 9.45 22.98
N LEU A 424 4.57 8.99 23.54
CA LEU A 424 4.41 8.27 24.82
C LEU A 424 3.95 9.19 25.93
N ALA A 425 4.46 10.42 25.94
CA ALA A 425 4.04 11.35 26.96
C ALA A 425 2.52 11.66 26.90
N GLN A 426 1.90 11.54 25.73
CA GLN A 426 0.44 11.77 25.65
C GLN A 426 -0.28 10.59 26.26
N GLY A 427 0.40 9.45 26.42
CA GLY A 427 -0.25 8.25 26.94
C GLY A 427 -0.56 7.23 25.86
N VAL A 428 0.07 7.33 24.69
CA VAL A 428 -0.07 6.25 23.70
C VAL A 428 0.77 5.01 24.19
N PRO A 429 0.18 3.82 24.20
CA PRO A 429 0.94 2.64 24.74
C PRO A 429 2.09 2.33 23.74
N ALA A 430 3.26 2.00 24.29
CA ALA A 430 4.40 1.72 23.41
C ALA A 430 4.11 0.57 22.46
N ASN A 431 3.38 -0.44 22.93
CA ASN A 431 3.10 -1.58 22.09
C ASN A 431 2.11 -1.33 20.94
N LYS A 432 1.59 -0.10 20.78
CA LYS A 432 0.84 0.25 19.58
C LYS A 432 1.62 1.09 18.56
N LEU A 433 2.86 1.45 18.87
CA LEU A 433 3.66 2.38 18.02
C LEU A 433 4.63 1.56 17.16
N VAL A 434 4.69 1.90 15.87
CA VAL A 434 5.58 1.16 14.92
C VAL A 434 6.59 2.19 14.42
N LEU A 435 7.93 1.93 14.54
CA LEU A 435 8.93 2.91 14.20
C LEU A 435 9.28 2.80 12.73
N GLY A 436 9.39 3.96 12.08
CA GLY A 436 9.60 3.96 10.60
C GLY A 436 11.11 4.01 10.24
N THR A 437 11.43 3.30 9.16
CA THR A 437 12.77 3.22 8.55
CA THR A 437 12.80 3.31 8.53
C THR A 437 12.63 3.76 7.09
N ALA A 438 13.64 4.47 6.56
CA ALA A 438 13.55 5.02 5.18
C ALA A 438 14.33 4.08 4.28
N MET A 439 13.70 3.63 3.18
CA MET A 439 14.45 2.90 2.18
C MET A 439 14.85 3.84 1.02
N TYR A 440 15.13 5.11 1.36
CA TYR A 440 15.45 6.13 0.38
C TYR A 440 16.27 7.20 1.04
N GLY A 441 17.00 7.94 0.25
CA GLY A 441 17.68 9.16 0.75
C GLY A 441 16.97 10.42 0.32
N ARG A 442 17.15 11.52 1.07
CA ARG A 442 16.79 12.80 0.51
C ARG A 442 18.09 13.55 0.35
N GLY A 443 18.13 14.56 -0.48
CA GLY A 443 19.45 15.17 -0.63
C GLY A 443 19.46 16.47 -1.40
N TRP A 444 20.68 17.03 -1.54
CA TRP A 444 20.85 18.41 -1.98
C TRP A 444 22.06 18.41 -2.96
N GLU A 445 22.15 19.51 -3.71
CA GLU A 445 23.37 19.83 -4.47
C GLU A 445 24.02 20.96 -3.75
N GLY A 446 25.31 21.17 -4.00
CA GLY A 446 25.89 22.52 -3.75
C GLY A 446 26.37 22.69 -2.28
N VAL A 447 26.31 21.64 -1.44
CA VAL A 447 26.85 21.71 -0.04
C VAL A 447 28.38 21.47 -0.10
N THR A 448 29.13 22.51 -0.50
CA THR A 448 30.53 22.28 -0.73
C THR A 448 31.25 22.74 0.58
N PRO A 449 32.53 22.39 0.71
CA PRO A 449 33.30 22.61 1.94
C PRO A 449 33.34 24.07 2.35
N ASP A 450 33.31 25.00 1.43
CA ASP A 450 33.32 26.44 1.83
C ASP A 450 32.02 26.84 2.57
N THR A 451 30.97 26.00 2.56
CA THR A 451 29.74 26.38 3.22
C THR A 451 29.61 25.85 4.64
N LEU A 452 30.53 25.01 5.05
CA LEU A 452 30.42 24.30 6.36
C LEU A 452 30.87 25.19 7.53
N THR A 453 30.17 25.13 8.64
CA THR A 453 30.74 25.75 9.83
C THR A 453 31.65 24.76 10.61
N ASP A 454 31.48 23.44 10.46
CA ASP A 454 32.38 22.43 11.07
C ASP A 454 32.89 21.64 9.84
N PRO A 455 34.21 21.70 9.55
CA PRO A 455 34.75 21.18 8.26
C PRO A 455 34.61 19.66 8.07
N ASN A 456 34.33 18.93 9.16
CA ASN A 456 34.14 17.49 9.07
C ASN A 456 32.66 17.06 9.09
N ASP A 457 31.77 18.01 9.09
CA ASP A 457 30.33 17.68 9.07
C ASP A 457 29.54 18.47 8.04
N PRO A 458 29.28 17.85 6.88
CA PRO A 458 28.47 18.48 5.82
C PRO A 458 27.05 18.90 6.27
N MET A 459 26.51 18.32 7.37
CA MET A 459 25.22 18.76 7.89
CA MET A 459 25.20 18.80 7.82
C MET A 459 25.28 20.22 8.43
N THR A 460 26.49 20.78 8.51
CA THR A 460 26.59 22.17 8.95
C THR A 460 26.70 23.13 7.75
N GLY A 461 26.64 22.60 6.52
CA GLY A 461 26.65 23.43 5.33
C GLY A 461 25.34 24.04 4.86
N THR A 462 25.35 24.55 3.61
CA THR A 462 24.17 25.18 3.05
C THR A 462 24.07 24.71 1.63
N ALA A 463 22.87 24.30 1.22
CA ALA A 463 22.73 23.78 -0.16
C ALA A 463 22.39 24.85 -1.16
N THR A 464 22.57 24.53 -2.44
CA THR A 464 22.02 25.37 -3.49
C THR A 464 20.64 24.96 -4.06
N GLY A 465 20.24 23.71 -3.84
CA GLY A 465 18.99 23.20 -4.34
C GLY A 465 18.89 21.70 -4.09
N LYS A 466 17.87 21.08 -4.68
CA LYS A 466 17.58 19.65 -4.49
C LYS A 466 18.54 18.80 -5.23
N LEU A 467 18.79 17.59 -4.74
CA LEU A 467 19.62 16.63 -5.47
C LEU A 467 18.98 16.37 -6.88
N LYS A 468 19.83 16.35 -7.92
CA LYS A 468 19.40 15.99 -9.27
C LYS A 468 20.07 14.73 -9.64
N GLY A 469 19.39 13.90 -10.42
CA GLY A 469 20.01 12.68 -10.90
C GLY A 469 19.06 11.98 -11.86
N SER A 470 19.51 10.86 -12.41
CA SER A 470 18.67 10.12 -13.41
C SER A 470 17.90 8.98 -12.77
N THR A 471 16.84 8.54 -13.45
CA THR A 471 16.15 7.34 -12.99
C THR A 471 17.08 6.11 -12.98
N ALA A 472 18.07 6.06 -13.86
CA ALA A 472 19.07 4.98 -13.80
C ALA A 472 19.80 4.91 -12.46
N GLN A 473 19.95 6.06 -11.76
CA GLN A 473 20.67 6.14 -10.48
C GLN A 473 19.67 5.98 -9.31
N GLY A 474 18.41 5.69 -9.63
CA GLY A 474 17.32 5.63 -8.56
C GLY A 474 16.73 6.97 -8.16
N VAL A 475 16.90 8.00 -8.98
CA VAL A 475 16.37 9.32 -8.71
C VAL A 475 15.12 9.52 -9.55
N TRP A 476 13.96 9.30 -8.94
CA TRP A 476 12.68 9.41 -9.68
C TRP A 476 12.02 10.77 -9.58
N GLU A 477 12.46 11.60 -8.62
CA GLU A 477 12.01 12.97 -8.46
C GLU A 477 13.18 13.71 -7.81
N ASP A 478 13.32 14.97 -8.12
CA ASP A 478 14.39 15.80 -7.56
C ASP A 478 14.42 15.68 -6.05
N GLY A 479 15.62 15.62 -5.49
CA GLY A 479 15.69 15.60 -4.02
C GLY A 479 15.55 14.23 -3.32
N VAL A 480 15.26 13.16 -4.05
CA VAL A 480 14.99 11.82 -3.47
C VAL A 480 15.71 10.74 -4.28
N ILE A 481 16.26 9.74 -3.60
CA ILE A 481 16.97 8.66 -4.24
C ILE A 481 16.74 7.33 -3.55
N ASP A 482 16.44 6.29 -4.35
CA ASP A 482 16.25 4.97 -3.77
C ASP A 482 17.50 4.54 -3.00
N TYR A 483 17.26 3.82 -1.91
CA TYR A 483 18.39 3.26 -1.13
C TYR A 483 19.26 2.42 -2.09
N LYS A 484 18.61 1.62 -2.91
CA LYS A 484 19.44 0.70 -3.75
C LYS A 484 20.28 1.52 -4.77
N GLY A 485 19.80 2.71 -5.15
CA GLY A 485 20.64 3.62 -5.98
C GLY A 485 21.82 4.21 -5.18
N ILE A 486 21.57 4.60 -3.93
CA ILE A 486 22.69 5.04 -3.04
C ILE A 486 23.69 3.90 -2.96
N LYS A 487 23.21 2.68 -2.78
CA LYS A 487 24.16 1.59 -2.57
C LYS A 487 24.97 1.35 -3.88
N SER A 488 24.28 1.27 -5.01
CA SER A 488 24.98 0.98 -6.30
C SER A 488 25.91 2.12 -6.80
N PHE A 489 25.59 3.37 -6.54
CA PHE A 489 26.23 4.46 -7.22
C PHE A 489 27.00 5.40 -6.30
N MET A 490 26.83 5.28 -4.98
CA MET A 490 27.49 6.21 -4.04
CA MET A 490 27.50 6.21 -4.06
C MET A 490 28.30 5.48 -2.99
N LEU A 491 27.79 4.36 -2.45
CA LEU A 491 28.48 3.62 -1.39
C LEU A 491 29.44 2.63 -1.98
N GLY A 492 29.00 1.91 -2.99
CA GLY A 492 29.75 0.81 -3.54
C GLY A 492 29.77 -0.42 -2.64
N ALA A 493 30.39 -1.47 -3.16
CA ALA A 493 30.38 -2.80 -2.59
C ALA A 493 30.91 -2.81 -1.15
N ASN A 494 31.95 -2.02 -0.90
CA ASN A 494 32.59 -1.94 0.42
C ASN A 494 32.03 -0.91 1.40
N ASN A 495 31.03 -0.14 0.98
CA ASN A 495 30.53 0.95 1.80
C ASN A 495 31.58 2.00 2.16
N THR A 496 32.55 2.17 1.27
CA THR A 496 33.55 3.19 1.58
C THR A 496 33.39 4.42 0.71
N GLY A 497 32.48 4.37 -0.30
CA GLY A 497 32.23 5.59 -1.13
C GLY A 497 32.86 5.46 -2.51
N ILE A 498 32.08 5.71 -3.56
CA ILE A 498 32.52 5.63 -4.99
C ILE A 498 32.02 6.80 -5.80
N ASN A 499 32.53 7.00 -7.02
CA ASN A 499 32.04 8.11 -7.85
C ASN A 499 32.13 9.48 -7.24
N GLY A 500 33.14 9.71 -6.43
CA GLY A 500 33.37 10.97 -5.83
C GLY A 500 32.71 11.20 -4.46
N PHE A 501 31.95 10.21 -4.01
CA PHE A 501 31.27 10.26 -2.70
C PHE A 501 32.10 9.65 -1.56
N GLU A 502 31.97 10.22 -0.35
CA GLU A 502 32.55 9.58 0.82
C GLU A 502 31.37 9.28 1.79
N TYR A 503 31.53 8.22 2.58
CA TYR A 503 30.49 7.86 3.56
C TYR A 503 30.84 8.51 4.88
N GLY A 504 29.87 8.98 5.64
CA GLY A 504 30.10 9.35 7.04
C GLY A 504 28.96 8.86 7.92
N TYR A 505 29.19 8.84 9.23
CA TYR A 505 28.06 8.42 10.17
C TYR A 505 28.09 9.29 11.37
N ASP A 506 26.96 9.91 11.72
CA ASP A 506 26.91 10.76 12.90
C ASP A 506 26.47 9.80 14.05
N ALA A 507 27.43 9.38 14.87
CA ALA A 507 27.19 8.38 15.93
C ALA A 507 26.23 8.94 17.04
N GLN A 508 26.17 10.26 17.22
CA GLN A 508 25.28 10.84 18.27
C GLN A 508 23.82 10.75 17.76
N ALA A 509 23.64 11.08 16.48
CA ALA A 509 22.29 11.01 15.82
C ALA A 509 21.82 9.57 15.48
N GLU A 510 22.77 8.67 15.22
CA GLU A 510 22.54 7.42 14.59
C GLU A 510 22.02 7.64 13.16
N ALA A 511 22.85 8.23 12.29
CA ALA A 511 22.44 8.64 10.92
C ALA A 511 23.61 8.65 9.99
N PRO A 512 23.50 7.96 8.89
CA PRO A 512 24.54 7.98 7.88
C PRO A 512 24.33 9.09 6.80
N TRP A 513 25.40 9.32 6.06
CA TRP A 513 25.31 10.20 4.90
C TRP A 513 26.33 9.77 3.89
N VAL A 514 26.08 10.18 2.64
CA VAL A 514 27.21 10.22 1.62
C VAL A 514 27.34 11.60 1.10
N TRP A 515 28.57 12.04 0.84
CA TRP A 515 28.77 13.40 0.45
C TRP A 515 29.83 13.45 -0.68
N ASN A 516 29.53 14.22 -1.72
CA ASN A 516 30.51 14.41 -2.81
C ASN A 516 31.04 15.82 -2.62
N ARG A 517 32.30 15.99 -2.14
CA ARG A 517 32.68 17.36 -1.81
C ARG A 517 32.75 18.30 -3.03
N SER A 518 32.96 17.77 -4.24
CA SER A 518 33.08 18.69 -5.40
C SER A 518 31.73 19.17 -5.97
N THR A 519 30.77 18.26 -6.11
CA THR A 519 29.46 18.72 -6.56
C THR A 519 28.66 19.26 -5.40
N GLY A 520 29.09 18.93 -4.17
CA GLY A 520 28.35 19.31 -2.97
C GLY A 520 27.08 18.45 -2.81
N GLU A 521 26.97 17.36 -3.59
CA GLU A 521 25.78 16.48 -3.38
C GLU A 521 25.84 15.88 -2.00
N LEU A 522 24.74 15.97 -1.26
CA LEU A 522 24.77 15.41 0.08
C LEU A 522 23.45 14.63 0.26
N ILE A 523 23.53 13.34 0.69
CA ILE A 523 22.38 12.50 0.77
C ILE A 523 22.26 11.93 2.17
N THR A 524 21.08 12.11 2.78
CA THR A 524 20.83 11.58 4.20
C THR A 524 19.83 10.40 4.03
N PHE A 525 20.05 9.26 4.71
CA PHE A 525 19.25 8.06 4.40
C PHE A 525 19.39 7.15 5.63
N ASP A 526 18.88 5.93 5.54
CA ASP A 526 19.05 4.91 6.61
C ASP A 526 19.97 3.85 6.07
N ASP A 527 20.93 3.39 6.88
CA ASP A 527 21.77 2.25 6.46
C ASP A 527 21.75 1.06 7.45
N HIS A 528 22.54 0.02 7.16
CA HIS A 528 22.59 -1.12 8.08
C HIS A 528 22.82 -0.68 9.55
N ARG A 529 23.83 0.18 9.83
CA ARG A 529 24.05 0.63 11.21
C ARG A 529 22.92 1.41 11.86
N SER A 530 22.35 2.38 11.13
CA SER A 530 21.29 3.20 11.74
C SER A 530 20.04 2.32 11.92
N VAL A 531 19.78 1.36 11.06
CA VAL A 531 18.59 0.55 11.20
C VAL A 531 18.79 -0.42 12.37
N LEU A 532 20.00 -0.98 12.55
CA LEU A 532 20.19 -1.73 13.80
C LEU A 532 19.94 -0.83 15.07
N ALA A 533 20.39 0.42 15.02
CA ALA A 533 20.15 1.31 16.15
C ALA A 533 18.63 1.49 16.38
N LYS A 534 17.89 1.65 15.27
CA LYS A 534 16.41 1.78 15.41
C LYS A 534 15.80 0.52 15.99
N GLY A 535 16.27 -0.64 15.58
CA GLY A 535 15.71 -1.94 16.11
C GLY A 535 16.04 -2.07 17.62
N ASN A 536 17.26 -1.70 18.04
CA ASN A 536 17.63 -1.72 19.47
C ASN A 536 16.72 -0.74 20.22
N TYR A 537 16.50 0.46 19.64
CA TYR A 537 15.57 1.39 20.26
C TYR A 537 14.15 0.86 20.45
N ALA A 538 13.60 0.32 19.36
CA ALA A 538 12.23 -0.23 19.37
C ALA A 538 12.20 -1.36 20.44
N LYS A 539 13.20 -2.24 20.45
CA LYS A 539 13.14 -3.29 21.44
C LYS A 539 13.25 -2.73 22.88
N SER A 540 14.09 -1.71 23.12
CA SER A 540 14.26 -1.16 24.48
C SER A 540 13.00 -0.58 25.00
N LEU A 541 12.26 0.07 24.13
CA LEU A 541 10.99 0.71 24.56
C LEU A 541 9.75 -0.16 24.50
N GLY A 542 9.84 -1.35 23.95
CA GLY A 542 8.72 -2.26 23.86
C GLY A 542 7.77 -1.75 22.80
N LEU A 543 8.31 -1.12 21.74
CA LEU A 543 7.44 -0.71 20.60
C LEU A 543 6.89 -1.96 19.89
N ALA A 544 5.88 -1.77 19.03
CA ALA A 544 5.27 -2.91 18.39
C ALA A 544 6.17 -3.53 17.31
N GLY A 545 7.03 -2.72 16.70
CA GLY A 545 7.93 -3.24 15.67
C GLY A 545 8.43 -2.08 14.81
N LEU A 546 8.73 -2.40 13.55
CA LEU A 546 9.31 -1.44 12.60
C LEU A 546 8.51 -1.48 11.29
N PHE A 547 8.54 -0.38 10.52
CA PHE A 547 7.98 -0.46 9.18
C PHE A 547 8.90 0.40 8.29
N SER A 548 8.66 0.31 7.00
CA SER A 548 9.52 1.00 6.03
C SER A 548 8.73 1.58 4.86
N TRP A 549 9.31 2.61 4.28
N TRP A 549 9.29 2.62 4.28
CA TRP A 549 8.78 3.36 3.14
CA TRP A 549 8.74 3.20 3.09
C TRP A 549 10.00 3.41 2.18
C TRP A 549 9.91 3.49 2.15
N GLU A 550 9.93 2.95 0.92
CA GLU A 550 8.89 2.07 0.34
C GLU A 550 9.66 0.85 -0.24
N ILE A 551 8.97 -0.27 -0.36
CA ILE A 551 9.71 -1.53 -0.51
C ILE A 551 10.48 -1.65 -1.83
N ASP A 552 9.96 -1.05 -2.88
CA ASP A 552 10.63 -1.19 -4.19
C ASP A 552 12.06 -0.57 -4.17
N ALA A 553 12.32 0.36 -3.25
CA ALA A 553 13.58 1.11 -3.21
C ALA A 553 14.71 0.36 -2.50
N ASP A 554 14.33 -0.71 -1.77
CA ASP A 554 15.32 -1.49 -1.02
C ASP A 554 16.01 -2.49 -2.00
N ASN A 555 17.24 -2.92 -1.66
CA ASN A 555 17.83 -4.09 -2.37
C ASN A 555 17.89 -5.34 -1.48
N GLY A 556 17.28 -5.28 -0.29
CA GLY A 556 17.36 -6.35 0.68
C GLY A 556 17.99 -5.85 1.94
N ASP A 557 18.98 -4.95 1.80
CA ASP A 557 19.78 -4.61 2.97
C ASP A 557 18.96 -4.01 4.10
N ILE A 558 18.01 -3.11 3.77
CA ILE A 558 17.31 -2.39 4.87
C ILE A 558 16.37 -3.37 5.56
N LEU A 559 15.56 -4.11 4.80
CA LEU A 559 14.67 -5.06 5.44
C LEU A 559 15.48 -6.13 6.23
N ASN A 560 16.60 -6.61 5.67
CA ASN A 560 17.45 -7.48 6.49
C ASN A 560 17.88 -6.84 7.80
N ALA A 561 18.26 -5.54 7.77
CA ALA A 561 18.77 -4.88 8.98
C ALA A 561 17.60 -4.69 9.94
N MET A 562 16.37 -4.55 9.40
CA MET A 562 15.21 -4.40 10.32
C MET A 562 15.06 -5.66 11.19
N HIS A 563 15.20 -6.81 10.56
CA HIS A 563 15.05 -8.09 11.25
C HIS A 563 16.25 -8.31 12.17
N GLU A 564 17.44 -8.07 11.63
CA GLU A 564 18.65 -8.15 12.51
C GLU A 564 18.62 -7.28 13.72
N GLY A 565 18.10 -6.08 13.55
CA GLY A 565 18.16 -5.09 14.62
C GLY A 565 17.19 -5.48 15.68
N MET A 566 16.07 -6.09 15.28
CA MET A 566 15.05 -6.52 16.27
C MET A 566 15.49 -7.78 17.00
N ALA A 567 16.23 -8.66 16.35
CA ALA A 567 16.81 -9.80 17.04
C ALA A 567 17.85 -9.27 18.05
N GLY A 568 18.68 -8.30 17.63
CA GLY A 568 20.01 -7.99 18.24
C GLY A 568 20.09 -6.94 19.37
N GLY A 569 19.01 -6.16 19.57
CA GLY A 569 19.11 -5.08 20.56
C GLY A 569 19.35 -5.64 21.99
N VAL A 570 20.11 -4.87 22.77
CA VAL A 570 20.69 -5.39 24.03
C VAL A 570 19.85 -5.02 25.28
N1 POY B . 7.95 17.77 4.38
C2 POY B . 7.81 16.74 3.39
C3 POY B . 7.57 17.09 2.06
C4 POY B . 7.47 18.44 1.67
N5 POY B . 7.59 19.52 2.63
C6 POY B . 7.86 19.16 4.00
N7 POY B . 7.39 16.33 0.96
C8 POY B . 7.19 17.16 -0.09
N9 POY B . 7.24 18.44 0.35
C10 POY B . 8.22 17.37 5.78
C11 POY B . 6.93 17.31 6.56
C12 POY B . 7.22 17.52 8.05
C13 POY B . 7.08 16.19 8.76
C14 POY B . 7.35 16.38 10.23
C15 POY B . 8.60 15.75 10.87
O16 POY B . 6.51 16.92 10.91
O17 POY B . 7.89 15.55 3.70
O18 POY B . 7.99 20.01 4.89
C19 POY B . 7.48 20.95 2.19
C20 POY B . 7.41 14.83 0.84
C21 POY B . 6.01 14.19 1.12
C22 POY B . 5.18 13.67 -0.10
N1 POY C . 0.72 8.23 -9.71
C2 POY C . 1.79 8.11 -10.70
C3 POY C . 3.12 8.55 -10.42
C4 POY C . 3.43 9.09 -9.16
N5 POY C . 2.43 9.21 -8.15
C6 POY C . 1.06 8.77 -8.42
N7 POY C . 4.30 8.59 -11.10
C8 POY C . 5.25 9.12 -10.33
N9 POY C . 4.73 9.42 -9.15
C10 POY C . -0.70 7.74 -9.95
C11 POY C . -1.51 8.38 -11.07
C12 POY C . -1.77 7.46 -12.31
C13 POY C . -0.92 7.96 -13.53
C14 POY C . -0.89 6.99 -14.75
C15 POY C . 0.25 7.01 -15.81
O16 POY C . -1.83 6.20 -14.86
O17 POY C . 1.52 7.63 -11.81
O18 POY C . 0.19 8.86 -7.54
C19 POY C . 2.82 9.79 -6.84
C20 POY C . 4.59 8.16 -12.49
C21 POY C . 4.35 6.67 -12.74
C22 POY C . 3.69 6.48 -14.12
N1 POY D . -20.28 0.79 -17.56
C2 POY D . -20.14 -0.59 -17.04
C3 POY D . -19.05 -1.44 -17.43
C4 POY D . -18.08 -0.96 -18.30
N5 POY D . -18.16 0.35 -18.81
C6 POY D . -19.25 1.23 -18.46
N7 POY D . -18.65 -2.72 -17.23
C8 POY D . -17.52 -3.02 -17.82
N9 POY D . -17.19 -1.93 -18.53
C10 POY D . -21.40 1.79 -17.23
C11 POY D . -22.20 1.52 -15.94
C12 POY D . -23.64 2.13 -15.87
C13 POY D . -23.86 3.28 -14.82
C14 POY D . -23.45 3.03 -13.32
C15 POY D . -24.28 3.60 -12.16
O16 POY D . -22.43 2.42 -13.04
O17 POY D . -21.00 -1.06 -16.28
O18 POY D . -19.28 2.38 -18.90
C19 POY D . -17.06 0.75 -19.71
C20 POY D . -19.21 -3.68 -16.34
C21 POY D . -18.13 -3.60 -15.23
C22 POY D . -18.56 -2.66 -14.14
#